data_2R16
#
_entry.id   2R16
#
_cell.length_a   90.322
_cell.length_b   90.322
_cell.length_c   39.624
_cell.angle_alpha   90.00
_cell.angle_beta   90.00
_cell.angle_gamma   120.00
#
_symmetry.space_group_name_H-M   'P 63'
#
loop_
_entity.id
_entity.type
_entity.pdbx_description
1 polymer Neurexin-1-alpha
2 non-polymer 'CALCIUM ION'
3 water water
#
_entity_poly.entity_id   1
_entity_poly.type   'polypeptide(L)'
_entity_poly.pdbx_seq_one_letter_code
;GSREATVLSYDGSMFMKIQLPVVMHTEAEDVSLRFRSQRAYGILMATTSRDSADTLRLELDAGRVKLTVNLGKGPETLFA
GYNLNDNEWHTVRVVRRGKSLKLTVDDQQAMTGQMAGDHTRLEFHNIETGIITERRYLSSVPSNFIGHLQSLTFNGMAYI
DLCKNGDIDYCELNARFGFRNI
;
_entity_poly.pdbx_strand_id   A
#
# COMPACT_ATOMS: atom_id res chain seq x y z
N ALA A 5 -6.03 12.55 -10.57
CA ALA A 5 -6.21 14.03 -10.50
C ALA A 5 -5.55 14.65 -9.27
N THR A 6 -6.28 14.65 -8.17
CA THR A 6 -5.82 15.25 -6.89
C THR A 6 -4.51 14.64 -6.35
N VAL A 7 -3.52 15.48 -6.06
CA VAL A 7 -2.23 15.01 -5.58
C VAL A 7 -2.16 15.19 -4.07
N LEU A 8 -1.54 14.23 -3.37
CA LEU A 8 -1.31 14.32 -1.96
C LEU A 8 0.21 14.27 -1.72
N SER A 9 0.75 15.25 -1.01
CA SER A 9 2.18 15.43 -0.82
C SER A 9 2.59 15.17 0.61
N TYR A 10 3.78 14.57 0.76
CA TYR A 10 4.28 14.04 2.02
C TYR A 10 5.72 14.50 2.21
N ASP A 11 6.02 15.10 3.35
CA ASP A 11 7.35 15.67 3.60
C ASP A 11 8.22 14.82 4.51
N GLY A 12 7.80 13.59 4.82
CA GLY A 12 8.52 12.73 5.74
C GLY A 12 7.97 12.70 7.14
N SER A 13 7.08 13.65 7.45
CA SER A 13 6.38 13.70 8.74
C SER A 13 4.87 13.65 8.56
N MET A 14 4.43 13.16 7.40
CA MET A 14 3.04 13.20 7.02
C MET A 14 2.48 11.82 6.70
N PHE A 15 1.17 11.69 6.93
CA PHE A 15 0.46 10.44 6.73
C PHE A 15 -0.96 10.70 6.25
N MET A 16 -1.57 9.67 5.65
CA MET A 16 -3.01 9.60 5.45
C MET A 16 -3.38 8.13 5.69
N LYS A 17 -4.28 7.94 6.66
CA LYS A 17 -4.75 6.63 7.08
C LYS A 17 -6.27 6.56 6.87
N ILE A 18 -6.71 5.44 6.31
CA ILE A 18 -8.12 5.08 6.27
C ILE A 18 -8.31 4.06 7.40
N GLN A 19 -9.05 4.42 8.44
CA GLN A 19 -9.20 3.61 9.61
C GLN A 19 -10.65 3.11 9.64
N LEU A 20 -10.82 1.87 9.19
CA LEU A 20 -12.13 1.32 8.79
C LEU A 20 -12.88 1.03 10.03
N PRO A 21 -14.20 1.19 9.97
CA PRO A 21 -15.00 1.10 11.21
C PRO A 21 -15.12 -0.34 11.80
N VAL A 22 -14.90 -1.38 11.01
CA VAL A 22 -15.03 -2.76 11.44
CA VAL A 22 -14.99 -2.76 11.48
C VAL A 22 -13.90 -3.51 10.74
N VAL A 23 -13.34 -4.55 11.37
CA VAL A 23 -12.30 -5.36 10.74
C VAL A 23 -12.76 -5.88 9.39
N MET A 24 -11.82 -5.92 8.45
CA MET A 24 -12.01 -6.48 7.12
C MET A 24 -11.21 -7.77 6.99
N HIS A 25 -11.79 -8.72 6.25
CA HIS A 25 -11.08 -9.92 5.85
C HIS A 25 -11.38 -10.13 4.38
N THR A 26 -10.43 -9.78 3.51
CA THR A 26 -10.64 -9.84 2.09
C THR A 26 -9.99 -11.05 1.47
N GLU A 27 -10.67 -11.57 0.45
CA GLU A 27 -10.18 -12.70 -0.36
C GLU A 27 -9.37 -12.23 -1.57
N ALA A 28 -9.45 -10.95 -1.86
CA ALA A 28 -8.89 -10.40 -3.09
C ALA A 28 -8.74 -8.90 -2.88
N GLU A 29 -7.68 -8.35 -3.45
CA GLU A 29 -7.46 -6.90 -3.50
C GLU A 29 -6.98 -6.49 -4.88
N ASP A 30 -7.40 -5.32 -5.29
CA ASP A 30 -6.92 -4.65 -6.49
C ASP A 30 -6.51 -3.26 -6.03
N VAL A 31 -5.21 -2.99 -6.05
CA VAL A 31 -4.69 -1.74 -5.57
C VAL A 31 -3.90 -1.08 -6.67
N SER A 32 -4.17 0.20 -6.92
CA SER A 32 -3.37 0.97 -7.87
C SER A 32 -3.02 2.29 -7.22
N LEU A 33 -1.88 2.86 -7.62
N LEU A 33 -1.86 2.82 -7.58
CA LEU A 33 -1.33 4.05 -6.98
CA LEU A 33 -1.53 4.19 -7.20
C LEU A 33 -0.32 4.71 -7.93
C LEU A 33 -0.49 4.71 -8.15
N ARG A 34 -0.37 6.03 -8.11
CA ARG A 34 0.70 6.76 -8.76
C ARG A 34 1.56 7.41 -7.69
N PHE A 35 2.87 7.45 -7.92
CA PHE A 35 3.79 8.06 -6.97
C PHE A 35 4.92 8.76 -7.69
N ARG A 36 5.55 9.68 -6.98
CA ARG A 36 6.72 10.41 -7.46
C ARG A 36 7.59 10.68 -6.25
N SER A 37 8.87 10.36 -6.32
CA SER A 37 9.78 10.55 -5.19
C SER A 37 11.23 10.58 -5.65
N GLN A 38 12.05 11.27 -4.86
CA GLN A 38 13.49 11.21 -5.00
C GLN A 38 14.14 10.17 -4.14
N ARG A 39 13.39 9.54 -3.24
CA ARG A 39 13.96 8.64 -2.24
C ARG A 39 13.94 7.21 -2.73
N ALA A 40 15.05 6.50 -2.53
CA ALA A 40 15.17 5.09 -2.93
C ALA A 40 14.37 4.16 -2.03
N TYR A 41 14.07 4.61 -0.80
CA TYR A 41 13.33 3.85 0.20
C TYR A 41 12.17 4.70 0.70
N GLY A 42 11.02 4.09 0.93
CA GLY A 42 9.91 4.78 1.54
C GLY A 42 8.62 4.02 1.38
N ILE A 43 7.77 4.05 2.40
CA ILE A 43 6.46 3.42 2.29
C ILE A 43 5.63 4.08 1.21
N LEU A 44 4.91 3.25 0.46
CA LEU A 44 3.91 3.72 -0.52
C LEU A 44 2.50 3.51 0.04
N MET A 45 2.17 2.27 0.39
CA MET A 45 0.87 1.99 1.03
C MET A 45 0.99 0.69 1.76
N ALA A 46 0.36 0.56 2.91
CA ALA A 46 0.29 -0.75 3.59
C ALA A 46 -1.03 -0.89 4.29
N THR A 47 -1.61 -2.10 4.24
CA THR A 47 -2.68 -2.41 5.16
C THR A 47 -2.09 -2.83 6.49
N THR A 48 -2.77 -2.47 7.57
CA THR A 48 -2.38 -2.92 8.89
C THR A 48 -3.60 -3.41 9.65
N SER A 49 -3.32 -4.35 10.54
CA SER A 49 -4.28 -4.89 11.49
C SER A 49 -3.78 -4.60 12.90
N ARG A 50 -4.72 -4.22 13.76
CA ARG A 50 -4.43 -4.09 15.18
C ARG A 50 -4.25 -5.44 15.85
N ASP A 51 -4.69 -6.52 15.18
CA ASP A 51 -4.82 -7.83 15.79
C ASP A 51 -3.93 -8.91 15.22
N SER A 52 -3.13 -8.59 14.22
CA SER A 52 -2.21 -9.56 13.61
C SER A 52 -1.18 -8.84 12.78
N ALA A 53 -0.22 -9.63 12.30
CA ALA A 53 0.82 -9.15 11.40
C ALA A 53 0.41 -9.18 9.91
N ASP A 54 -0.85 -9.47 9.59
CA ASP A 54 -1.21 -9.54 8.18
C ASP A 54 -0.92 -8.20 7.50
N THR A 55 -0.52 -8.22 6.24
CA THR A 55 -0.35 -6.98 5.49
C THR A 55 -0.33 -7.26 4.00
N LEU A 56 -0.76 -6.25 3.26
N LEU A 56 -0.80 -6.25 3.26
CA LEU A 56 -0.44 -6.08 1.85
CA LEU A 56 -0.49 -6.01 1.84
C LEU A 56 0.27 -4.72 1.80
C LEU A 56 0.29 -4.70 1.87
N ARG A 57 1.57 -4.75 1.51
CA ARG A 57 2.46 -3.60 1.70
C ARG A 57 3.25 -3.34 0.41
N LEU A 58 3.27 -2.08 -0.02
CA LEU A 58 4.04 -1.59 -1.16
C LEU A 58 5.00 -0.53 -0.65
N GLU A 59 6.27 -0.62 -1.05
CA GLU A 59 7.24 0.39 -0.65
C GLU A 59 8.31 0.49 -1.74
N LEU A 60 8.99 1.63 -1.78
CA LEU A 60 10.24 1.75 -2.52
C LEU A 60 11.36 1.07 -1.72
N ASP A 61 12.15 0.26 -2.41
CA ASP A 61 13.30 -0.43 -1.81
C ASP A 61 14.40 -0.46 -2.85
N ALA A 62 15.45 0.31 -2.61
CA ALA A 62 16.55 0.44 -3.55
C ALA A 62 16.06 0.89 -4.92
N GLY A 63 15.05 1.75 -4.94
CA GLY A 63 14.50 2.27 -6.17
C GLY A 63 13.56 1.34 -6.93
N ARG A 64 13.29 0.17 -6.37
CA ARG A 64 12.31 -0.77 -6.93
C ARG A 64 11.01 -0.62 -6.12
N VAL A 65 9.90 -1.12 -6.65
CA VAL A 65 8.75 -1.38 -5.80
C VAL A 65 8.87 -2.79 -5.25
N LYS A 66 8.78 -2.88 -3.92
CA LYS A 66 8.72 -4.12 -3.18
C LYS A 66 7.32 -4.31 -2.65
N LEU A 67 6.69 -5.42 -3.03
CA LEU A 67 5.42 -5.89 -2.49
C LEU A 67 5.71 -6.95 -1.44
N THR A 68 5.10 -6.80 -0.27
CA THR A 68 5.12 -7.81 0.77
C THR A 68 3.67 -8.18 1.06
N VAL A 69 3.38 -9.47 1.05
CA VAL A 69 2.07 -9.95 1.46
C VAL A 69 2.27 -10.98 2.58
N ASN A 70 1.54 -10.78 3.67
CA ASN A 70 1.49 -11.75 4.75
C ASN A 70 0.05 -12.01 5.09
N LEU A 71 -0.50 -13.17 4.67
N LEU A 71 -0.24 -13.29 5.13
CA LEU A 71 -1.94 -13.53 4.87
CA LEU A 71 -1.52 -13.78 5.51
C LEU A 71 -2.16 -14.37 6.14
C LEU A 71 -1.42 -14.68 6.73
N GLY A 72 -1.07 -14.72 6.79
N GLY A 72 -0.26 -14.72 7.41
CA GLY A 72 -1.10 -15.57 7.99
CA GLY A 72 -0.12 -15.45 8.67
C GLY A 72 0.03 -16.57 8.11
C GLY A 72 1.03 -16.44 8.64
N LYS A 73 0.75 -16.82 7.02
N LYS A 73 1.37 -16.82 7.43
CA LYS A 73 1.84 -17.80 7.06
CA LYS A 73 2.37 -17.83 7.27
C LYS A 73 3.23 -17.13 7.12
C LYS A 73 3.60 -17.04 7.53
N GLY A 74 3.25 -15.79 7.05
N GLY A 74 3.48 -15.77 7.18
CA GLY A 74 4.50 -15.03 7.10
CA GLY A 74 4.60 -14.89 7.21
C GLY A 74 4.74 -14.20 5.83
C GLY A 74 4.71 -14.13 5.90
N PRO A 75 5.67 -13.23 5.86
CA PRO A 75 5.83 -12.34 4.71
C PRO A 75 6.49 -12.97 3.50
N GLU A 76 5.90 -12.78 2.34
CA GLU A 76 6.49 -13.13 1.08
C GLU A 76 6.56 -11.89 0.19
N THR A 77 7.56 -11.87 -0.67
CA THR A 77 7.94 -10.65 -1.38
C THR A 77 8.05 -10.82 -2.88
N LEU A 78 7.88 -9.70 -3.56
CA LEU A 78 7.99 -9.63 -5.01
C LEU A 78 8.43 -8.21 -5.37
N PHE A 79 9.35 -8.08 -6.32
CA PHE A 79 9.87 -6.79 -6.75
C PHE A 79 9.50 -6.52 -8.19
N ALA A 80 9.27 -5.24 -8.49
CA ALA A 80 9.00 -4.80 -9.85
C ALA A 80 9.53 -3.39 -10.05
N GLY A 81 10.07 -3.15 -11.25
CA GLY A 81 10.57 -1.83 -11.61
C GLY A 81 11.93 -1.54 -11.00
N TYR A 82 12.56 -0.48 -11.51
CA TYR A 82 13.90 -0.10 -11.07
C TYR A 82 14.13 1.37 -11.35
N ASN A 83 15.04 1.97 -10.60
CA ASN A 83 15.40 3.37 -10.74
C ASN A 83 14.18 4.28 -10.69
N LEU A 84 13.25 3.97 -9.79
CA LEU A 84 11.96 4.66 -9.79
C LEU A 84 11.97 5.94 -9.01
N ASN A 85 13.03 6.19 -8.25
CA ASN A 85 13.17 7.41 -7.47
C ASN A 85 13.82 8.52 -8.29
N ASP A 86 13.32 8.70 -9.51
CA ASP A 86 13.81 9.71 -10.43
C ASP A 86 13.02 11.01 -10.41
N ASN A 87 12.06 11.08 -9.48
CA ASN A 87 11.16 12.22 -9.32
C ASN A 87 10.23 12.43 -10.51
N GLU A 88 10.00 11.38 -11.28
CA GLU A 88 8.96 11.36 -12.28
C GLU A 88 7.82 10.48 -11.76
N TRP A 89 6.63 10.69 -12.30
CA TRP A 89 5.48 9.86 -11.91
C TRP A 89 5.59 8.44 -12.42
N HIS A 90 5.23 7.50 -11.55
CA HIS A 90 5.13 6.09 -11.88
C HIS A 90 3.82 5.56 -11.37
N THR A 91 3.39 4.43 -11.94
CA THR A 91 2.18 3.73 -11.49
C THR A 91 2.57 2.38 -10.94
N VAL A 92 1.84 1.92 -9.93
CA VAL A 92 1.96 0.56 -9.45
C VAL A 92 0.56 -0.04 -9.31
N ARG A 93 0.42 -1.29 -9.72
CA ARG A 93 -0.80 -2.03 -9.55
C ARG A 93 -0.51 -3.39 -8.97
N VAL A 94 -1.39 -3.79 -8.07
N VAL A 94 -1.16 -3.78 -7.86
CA VAL A 94 -1.36 -5.08 -7.44
CA VAL A 94 -1.10 -5.17 -7.36
C VAL A 94 -2.70 -5.71 -7.64
C VAL A 94 -2.52 -5.76 -7.40
N VAL A 95 -2.65 -6.97 -7.98
CA VAL A 95 -3.90 -7.76 -7.97
C VAL A 95 -3.60 -9.03 -7.21
N ARG A 96 -4.35 -9.26 -6.15
CA ARG A 96 -4.32 -10.52 -5.43
C ARG A 96 -5.68 -11.19 -5.50
N ARG A 97 -5.66 -12.47 -5.86
CA ARG A 97 -6.86 -13.30 -5.81
C ARG A 97 -6.45 -14.54 -5.02
N GLY A 98 -6.78 -14.60 -3.73
CA GLY A 98 -6.33 -15.71 -2.91
C GLY A 98 -4.82 -15.85 -2.90
N LYS A 99 -4.32 -17.01 -3.26
CA LYS A 99 -2.89 -17.23 -3.25
C LYS A 99 -2.14 -16.57 -4.43
N SER A 100 -2.84 -16.11 -5.46
CA SER A 100 -2.21 -15.57 -6.65
C SER A 100 -1.97 -14.07 -6.57
N LEU A 101 -0.75 -13.68 -6.90
CA LEU A 101 -0.32 -12.28 -6.88
C LEU A 101 0.22 -11.83 -8.22
N LYS A 102 -0.08 -10.59 -8.59
CA LYS A 102 0.50 -9.94 -9.73
C LYS A 102 0.85 -8.52 -9.35
N LEU A 103 2.05 -8.10 -9.71
CA LEU A 103 2.57 -6.76 -9.42
C LEU A 103 3.09 -6.17 -10.73
N THR A 104 2.63 -4.97 -11.08
CA THR A 104 3.05 -4.31 -12.31
C THR A 104 3.38 -2.86 -12.03
N VAL A 105 4.53 -2.41 -12.51
CA VAL A 105 4.95 -1.00 -12.40
C VAL A 105 4.99 -0.41 -13.80
N ASP A 106 4.40 0.78 -13.93
CA ASP A 106 4.39 1.52 -15.20
C ASP A 106 3.81 0.71 -16.35
N ASP A 107 2.85 -0.16 -16.06
CA ASP A 107 2.22 -0.96 -17.09
C ASP A 107 3.27 -1.73 -17.90
N GLN A 108 4.31 -2.23 -17.20
CA GLN A 108 5.36 -3.03 -17.79
C GLN A 108 4.99 -4.51 -17.55
N GLN A 109 6.01 -5.37 -17.41
N GLN A 109 5.94 -5.41 -17.38
CA GLN A 109 5.83 -6.79 -17.18
CA GLN A 109 5.51 -6.80 -17.28
C GLN A 109 4.94 -6.99 -15.87
C GLN A 109 5.00 -7.08 -15.91
N ALA A 110 3.95 -7.88 -15.92
CA ALA A 110 3.32 -8.32 -14.70
C ALA A 110 4.19 -9.38 -14.03
N MET A 111 4.70 -9.07 -12.84
CA MET A 111 5.49 -9.98 -12.04
C MET A 111 4.50 -10.83 -11.26
N THR A 112 4.67 -12.14 -11.26
CA THR A 112 3.70 -13.02 -10.63
C THR A 112 4.33 -13.82 -9.50
N GLY A 113 3.49 -14.21 -8.57
CA GLY A 113 3.88 -15.10 -7.50
C GLY A 113 2.68 -15.85 -6.98
N GLN A 114 2.95 -16.94 -6.28
CA GLN A 114 1.90 -17.69 -5.62
C GLN A 114 2.25 -17.82 -4.13
N MET A 115 1.33 -17.45 -3.26
CA MET A 115 1.52 -17.57 -1.82
C MET A 115 1.57 -19.02 -1.37
N ALA A 116 2.39 -19.28 -0.37
CA ALA A 116 2.41 -20.57 0.31
C ALA A 116 1.31 -20.65 1.37
N GLY A 117 0.96 -21.86 1.76
CA GLY A 117 0.07 -22.10 2.89
C GLY A 117 -1.41 -22.05 2.54
N ASP A 118 -2.25 -22.15 3.55
CA ASP A 118 -3.68 -22.33 3.36
C ASP A 118 -4.47 -21.06 3.51
N HIS A 119 -3.78 -19.97 3.81
CA HIS A 119 -4.45 -18.72 4.04
C HIS A 119 -4.81 -18.00 2.73
N THR A 120 -6.05 -17.54 2.64
CA THR A 120 -6.50 -16.71 1.53
C THR A 120 -7.01 -15.34 1.96
N ARG A 121 -7.18 -15.13 3.26
CA ARG A 121 -7.83 -13.90 3.73
C ARG A 121 -6.80 -12.95 4.33
N LEU A 122 -6.88 -11.70 3.89
CA LEU A 122 -6.09 -10.61 4.45
C LEU A 122 -6.92 -9.88 5.49
N GLU A 123 -6.44 -9.86 6.73
CA GLU A 123 -7.08 -9.09 7.81
C GLU A 123 -6.52 -7.67 7.81
N PHE A 124 -7.40 -6.67 7.85
CA PHE A 124 -6.93 -5.32 8.05
C PHE A 124 -8.00 -4.47 8.73
N HIS A 125 -7.51 -3.50 9.49
CA HIS A 125 -8.31 -2.38 10.00
C HIS A 125 -8.02 -1.08 9.26
N ASN A 126 -6.83 -0.93 8.72
CA ASN A 126 -6.37 0.36 8.20
C ASN A 126 -5.72 0.19 6.83
N ILE A 127 -5.82 1.23 6.02
CA ILE A 127 -5.02 1.41 4.82
C ILE A 127 -4.17 2.65 5.08
N GLU A 128 -2.86 2.48 5.07
CA GLU A 128 -1.94 3.50 5.56
C GLU A 128 -1.03 3.99 4.43
N THR A 129 -0.74 5.28 4.46
CA THR A 129 0.21 5.92 3.57
C THR A 129 1.05 6.94 4.36
N GLY A 130 2.25 7.23 3.87
CA GLY A 130 3.10 8.25 4.43
C GLY A 130 3.92 7.79 5.60
N ILE A 131 3.23 7.35 6.65
CA ILE A 131 3.79 6.78 7.86
C ILE A 131 2.93 5.56 8.18
N ILE A 132 3.53 4.42 8.52
CA ILE A 132 2.74 3.34 9.11
C ILE A 132 2.52 3.69 10.60
N THR A 133 1.28 4.01 10.95
CA THR A 133 0.97 4.47 12.29
C THR A 133 0.54 3.36 13.22
N GLU A 134 0.00 2.25 12.71
CA GLU A 134 -0.36 1.09 13.52
C GLU A 134 0.82 0.16 13.39
N ARG A 135 1.64 0.07 14.41
CA ARG A 135 2.99 -0.50 14.27
C ARG A 135 3.29 -1.72 15.12
N ARG A 136 2.35 -2.10 15.95
CA ARG A 136 2.66 -3.05 16.99
C ARG A 136 3.20 -4.38 16.53
N TYR A 137 2.57 -4.92 15.50
CA TYR A 137 3.00 -6.21 15.00
C TYR A 137 3.75 -5.99 13.78
N LEU A 138 4.12 -4.74 13.65
CA LEU A 138 4.75 -4.28 12.49
C LEU A 138 6.09 -4.93 12.48
N SER A 139 6.28 -5.76 11.47
CA SER A 139 7.49 -6.51 11.33
C SER A 139 8.73 -5.62 11.27
N SER A 140 8.67 -4.52 10.54
CA SER A 140 9.81 -3.61 10.38
C SER A 140 9.27 -2.26 9.96
N VAL A 141 9.90 -1.17 10.37
CA VAL A 141 9.36 0.15 10.10
C VAL A 141 9.99 0.70 8.84
N PRO A 142 9.19 0.90 7.79
CA PRO A 142 9.72 1.50 6.57
C PRO A 142 9.96 2.96 6.85
N SER A 143 10.87 3.54 6.10
CA SER A 143 11.04 4.95 6.20
C SER A 143 9.77 5.62 5.74
N ASN A 144 9.50 6.75 6.37
CA ASN A 144 8.36 7.54 6.00
C ASN A 144 8.53 8.08 4.59
N PHE A 145 7.41 8.24 3.87
CA PHE A 145 7.45 8.66 2.49
C PHE A 145 7.74 10.16 2.37
N ILE A 146 8.61 10.49 1.41
CA ILE A 146 8.85 11.88 1.03
C ILE A 146 8.59 11.92 -0.46
N GLY A 147 7.50 12.54 -0.87
CA GLY A 147 7.12 12.55 -2.26
C GLY A 147 5.64 12.84 -2.42
N HIS A 148 5.07 12.39 -3.53
CA HIS A 148 3.71 12.71 -3.89
C HIS A 148 2.99 11.43 -4.33
N LEU A 149 1.71 11.34 -3.98
CA LEU A 149 0.84 10.26 -4.42
C LEU A 149 -0.32 10.84 -5.19
N GLN A 150 -0.92 10.03 -6.06
CA GLN A 150 -2.11 10.40 -6.81
C GLN A 150 -2.85 9.13 -7.17
N SER A 151 -4.16 9.21 -7.28
CA SER A 151 -4.96 8.13 -7.84
C SER A 151 -4.75 6.80 -7.10
N LEU A 152 -4.77 6.85 -5.77
CA LEU A 152 -4.82 5.63 -4.95
C LEU A 152 -6.20 5.04 -5.06
N THR A 153 -6.31 3.80 -5.53
CA THR A 153 -7.56 3.11 -5.60
C THR A 153 -7.35 1.74 -4.95
N PHE A 154 -8.24 1.42 -4.01
CA PHE A 154 -8.16 0.18 -3.27
C PHE A 154 -9.52 -0.46 -3.34
N ASN A 155 -9.64 -1.57 -4.05
CA ASN A 155 -10.93 -2.22 -4.26
C ASN A 155 -11.99 -1.21 -4.62
N GLY A 156 -11.67 -0.37 -5.61
CA GLY A 156 -12.61 0.57 -6.19
C GLY A 156 -12.78 1.88 -5.47
N MET A 157 -12.11 2.04 -4.33
CA MET A 157 -12.24 3.24 -3.51
C MET A 157 -11.07 4.20 -3.78
N ALA A 158 -11.37 5.41 -4.26
CA ALA A 158 -10.37 6.42 -4.60
C ALA A 158 -10.10 7.28 -3.36
N TYR A 159 -9.33 6.71 -2.44
CA TYR A 159 -9.30 7.27 -1.10
C TYR A 159 -8.73 8.69 -1.00
N ILE A 160 -7.79 9.11 -1.85
CA ILE A 160 -7.30 10.52 -1.74
C ILE A 160 -8.47 11.47 -1.90
N ASP A 161 -9.29 11.26 -2.93
CA ASP A 161 -10.45 12.13 -3.16
C ASP A 161 -11.56 11.94 -2.18
N LEU A 162 -11.81 10.70 -1.77
CA LEU A 162 -12.86 10.48 -0.77
C LEU A 162 -12.51 11.22 0.52
N CYS A 163 -11.25 11.13 0.92
CA CYS A 163 -10.80 11.84 2.12
C CYS A 163 -10.84 13.34 1.91
N LYS A 164 -10.37 13.82 0.77
CA LYS A 164 -10.34 15.26 0.53
C LYS A 164 -11.74 15.85 0.63
N ASN A 165 -12.72 15.14 0.09
CA ASN A 165 -14.08 15.69 0.00
C ASN A 165 -14.95 15.37 1.20
N GLY A 166 -14.44 14.66 2.19
CA GLY A 166 -15.23 14.26 3.35
C GLY A 166 -16.37 13.35 2.96
N ASP A 167 -16.16 12.56 1.91
CA ASP A 167 -17.18 11.63 1.43
C ASP A 167 -17.29 10.36 2.29
N ILE A 168 -16.27 10.12 3.10
CA ILE A 168 -16.27 9.04 4.10
C ILE A 168 -15.85 9.64 5.45
N ASP A 169 -16.12 8.89 6.51
CA ASP A 169 -15.90 9.29 7.90
C ASP A 169 -14.64 8.76 8.50
N TYR A 170 -13.84 8.01 7.70
N TYR A 170 -13.83 8.11 7.71
CA TYR A 170 -12.72 7.11 8.17
CA TYR A 170 -12.89 7.33 8.39
C TYR A 170 -11.32 7.68 8.07
C TYR A 170 -11.44 7.62 7.94
N CYS A 171 -11.16 8.86 7.54
CA CYS A 171 -9.79 9.31 7.28
C CYS A 171 -9.17 10.08 8.45
N GLU A 172 -7.87 9.85 8.61
CA GLU A 172 -7.02 10.65 9.48
C GLU A 172 -5.82 11.05 8.63
N LEU A 173 -5.41 12.31 8.67
CA LEU A 173 -4.30 12.70 7.81
C LEU A 173 -3.72 14.04 8.24
N ASN A 174 -2.45 14.22 7.89
CA ASN A 174 -1.83 15.55 7.92
C ASN A 174 -1.01 15.83 6.67
N ALA A 175 -1.14 15.01 5.64
CA ALA A 175 -0.50 15.27 4.36
C ALA A 175 -1.21 16.41 3.62
N ARG A 176 -0.53 16.95 2.61
CA ARG A 176 -0.96 18.18 1.95
C ARG A 176 -1.56 17.94 0.58
N PHE A 177 -2.82 18.32 0.39
CA PHE A 177 -3.46 18.21 -0.89
C PHE A 177 -2.98 19.31 -1.83
N GLY A 178 -2.84 18.97 -3.12
CA GLY A 178 -2.60 19.94 -4.18
C GLY A 178 -2.87 19.36 -5.57
N PHE A 179 -2.16 19.94 -6.53
CA PHE A 179 -2.01 19.38 -7.86
C PHE A 179 -0.63 19.81 -8.32
#